data_3KPJ
#
_entry.id   3KPJ
#
_cell.length_a   94.420
_cell.length_b   94.420
_cell.length_c   186.910
_cell.angle_alpha   90.000
_cell.angle_beta   90.000
_cell.angle_gamma   90.000
#
_symmetry.space_group_name_H-M   'P 43 21 2'
#
loop_
_entity.id
_entity.type
_entity.pdbx_description
1 polymer 'Phenylethanolamine N-methyltransferase'
2 non-polymer S-ADENOSYL-L-HOMOCYSTEINE
3 non-polymer 'PHOSPHATE ION'
4 water water
#
_entity_poly.entity_id   1
_entity_poly.type   'polypeptide(L)'
_entity_poly.pdbx_seq_one_letter_code
;MSGADRSPNAGAAPDSAPGQAAVASAYQRFEPRAYLRNNYAPPRGDLCNPNGVGPWKLRCLAQTFATGEVSGRTLIDIGS
GPTVYQLLSACSHFEDITMTDFLEVNRQELGRWLQEEPGAFNWSMYSQHACLIEGKGECWQDKERQLRARVKRVLPIDVH
QPQPLGAGSPAPLPADALVSAFCLEAVSPDLASFQRALDHITTLLRPGGHLLLIGALEESWYLAGEARLTVVPVSEEEVR
EALVRSGYKVRDLRTYIMPAHLQTGVDDVKGVFFAWAQKVGLEHHHHHH
;
_entity_poly.pdbx_strand_id   A,B
#
# COMPACT_ATOMS: atom_id res chain seq x y z
N ALA A 24 5.93 29.04 -27.62
CA ALA A 24 5.82 28.80 -26.18
C ALA A 24 4.71 29.63 -25.52
N SER A 25 4.03 30.45 -26.32
CA SER A 25 2.89 31.22 -25.83
C SER A 25 1.67 30.31 -25.61
N ALA A 26 1.72 29.12 -26.21
CA ALA A 26 0.66 28.14 -26.06
C ALA A 26 0.57 27.68 -24.61
N TYR A 27 1.72 27.65 -23.94
CA TYR A 27 1.80 27.18 -22.56
C TYR A 27 1.07 28.11 -21.60
N GLN A 28 0.62 29.26 -22.13
CA GLN A 28 -0.05 30.24 -21.30
C GLN A 28 -1.53 29.90 -21.08
N ARG A 29 -2.06 29.00 -21.90
CA ARG A 29 -3.41 28.50 -21.68
C ARG A 29 -3.39 27.17 -20.90
N PHE A 30 -2.19 26.68 -20.63
CA PHE A 30 -1.97 25.40 -19.95
C PHE A 30 -2.65 25.31 -18.58
N GLU A 31 -3.58 24.36 -18.45
CA GLU A 31 -4.31 24.11 -17.19
C GLU A 31 -3.82 22.83 -16.50
N PRO A 32 -3.13 22.98 -15.35
CA PRO A 32 -2.59 21.84 -14.60
C PRO A 32 -3.63 20.77 -14.26
N ARG A 33 -4.76 21.17 -13.69
CA ARG A 33 -5.80 20.23 -13.31
C ARG A 33 -6.29 19.41 -14.50
N ALA A 34 -6.29 20.01 -15.69
CA ALA A 34 -6.71 19.28 -16.88
C ALA A 34 -5.63 18.29 -17.33
N TYR A 35 -4.38 18.73 -17.23
CA TYR A 35 -3.24 17.88 -17.54
C TYR A 35 -3.19 16.67 -16.60
N LEU A 36 -3.10 16.94 -15.30
CA LEU A 36 -3.14 15.90 -14.29
C LEU A 36 -4.26 14.89 -14.56
N ARG A 37 -5.45 15.41 -14.85
CA ARG A 37 -6.62 14.58 -15.12
C ARG A 37 -6.40 13.67 -16.32
N ASN A 38 -5.83 14.24 -17.37
CA ASN A 38 -5.58 13.56 -18.64
C ASN A 38 -4.59 12.43 -18.54
N ASN A 39 -3.61 12.58 -17.66
CA ASN A 39 -2.46 11.69 -17.64
C ASN A 39 -2.23 10.90 -16.37
N TYR A 40 -2.86 11.30 -15.29
CA TYR A 40 -2.56 10.74 -13.97
C TYR A 40 -3.83 10.35 -13.21
N ALA A 41 -4.97 10.47 -13.88
CA ALA A 41 -6.21 9.90 -13.40
C ALA A 41 -6.56 8.72 -14.30
N PRO A 42 -7.43 7.81 -13.82
CA PRO A 42 -7.77 6.67 -14.69
C PRO A 42 -8.09 7.18 -16.09
N PRO A 43 -7.76 6.38 -17.13
CA PRO A 43 -7.16 5.05 -17.04
C PRO A 43 -5.62 5.06 -16.88
N ARG A 44 -4.93 6.07 -17.40
CA ARG A 44 -3.47 6.11 -17.34
C ARG A 44 -3.05 6.22 -15.89
N GLY A 45 -4.00 6.63 -15.06
CA GLY A 45 -3.76 6.80 -13.64
C GLY A 45 -4.13 5.60 -12.79
N ASP A 46 -4.79 4.61 -13.38
CA ASP A 46 -5.01 3.35 -12.67
C ASP A 46 -3.70 2.58 -12.61
N LEU A 47 -3.22 2.33 -11.40
CA LEU A 47 -1.93 1.68 -11.25
C LEU A 47 -2.06 0.19 -10.99
N CYS A 48 -3.30 -0.27 -10.84
CA CYS A 48 -3.57 -1.70 -10.62
C CYS A 48 -3.05 -2.62 -11.72
N ASN A 49 -3.18 -2.22 -12.98
CA ASN A 49 -2.61 -3.04 -14.04
C ASN A 49 -1.13 -2.75 -14.27
N PRO A 50 -0.29 -3.77 -14.08
CA PRO A 50 1.17 -3.71 -14.15
C PRO A 50 1.65 -3.37 -15.55
N ASN A 51 0.89 -3.81 -16.56
CA ASN A 51 1.21 -3.53 -17.95
C ASN A 51 0.91 -2.10 -18.35
N GLY A 52 0.53 -1.25 -17.41
CA GLY A 52 0.27 0.14 -17.73
C GLY A 52 1.49 1.06 -17.74
N VAL A 53 1.26 2.28 -18.23
CA VAL A 53 2.32 3.27 -18.37
C VAL A 53 2.81 3.84 -17.04
N GLY A 54 1.90 3.96 -16.08
CA GLY A 54 2.27 4.45 -14.75
C GLY A 54 3.21 3.48 -14.06
N PRO A 55 2.77 2.23 -13.85
CA PRO A 55 3.67 1.23 -13.26
C PRO A 55 5.02 1.12 -14.00
N TRP A 56 5.02 1.18 -15.34
CA TRP A 56 6.25 1.13 -16.13
C TRP A 56 7.23 2.28 -15.84
N LYS A 57 6.70 3.49 -15.80
CA LYS A 57 7.55 4.62 -15.46
C LYS A 57 8.19 4.43 -14.08
N LEU A 58 7.36 4.09 -13.08
CA LEU A 58 7.81 3.93 -11.71
C LEU A 58 8.87 2.82 -11.58
N ARG A 59 8.67 1.72 -12.28
CA ARG A 59 9.63 0.63 -12.24
C ARG A 59 11.01 1.06 -12.76
N CYS A 60 11.06 1.73 -13.92
CA CYS A 60 12.31 2.27 -14.47
C CYS A 60 13.11 3.09 -13.46
N LEU A 61 12.45 4.05 -12.82
CA LEU A 61 13.09 4.86 -11.80
C LEU A 61 13.52 3.99 -10.61
N ALA A 62 12.63 3.14 -10.13
CA ALA A 62 12.94 2.29 -8.98
C ALA A 62 14.21 1.48 -9.24
N GLN A 63 14.18 0.78 -10.35
CA GLN A 63 15.25 -0.10 -10.76
C GLN A 63 16.55 0.65 -10.86
N THR A 64 16.50 1.81 -11.48
CA THR A 64 17.71 2.53 -11.75
C THR A 64 18.37 2.92 -10.44
N PHE A 65 17.61 3.53 -9.55
CA PHE A 65 18.15 3.95 -8.28
C PHE A 65 18.58 2.77 -7.42
N ALA A 66 17.84 1.66 -7.51
CA ALA A 66 18.18 0.43 -6.78
C ALA A 66 19.58 -0.09 -7.09
N THR A 67 20.13 0.30 -8.23
CA THR A 67 21.51 -0.06 -8.56
C THR A 67 22.44 0.64 -7.57
N GLY A 68 22.00 1.80 -7.08
CA GLY A 68 22.79 2.59 -6.15
C GLY A 68 24.08 3.07 -6.77
N GLU A 69 24.01 3.44 -8.04
CA GLU A 69 25.14 4.05 -8.74
C GLU A 69 24.77 5.48 -9.06
N VAL A 70 23.48 5.75 -8.97
CA VAL A 70 22.97 7.10 -9.07
C VAL A 70 22.80 7.61 -7.66
N SER A 71 23.67 8.52 -7.24
CA SER A 71 23.66 8.99 -5.87
C SER A 71 24.45 10.28 -5.72
N GLY A 72 24.17 11.00 -4.62
CA GLY A 72 24.80 12.27 -4.35
C GLY A 72 24.05 13.07 -3.29
N ARG A 73 24.37 14.35 -3.19
CA ARG A 73 23.69 15.21 -2.23
C ARG A 73 22.52 15.98 -2.84
N THR A 74 22.73 16.52 -4.03
CA THR A 74 21.71 17.35 -4.67
C THR A 74 21.19 16.81 -6.00
N LEU A 75 19.92 17.09 -6.27
CA LEU A 75 19.25 16.64 -7.47
C LEU A 75 18.28 17.72 -7.93
N ILE A 76 18.17 17.90 -9.24
CA ILE A 76 17.25 18.89 -9.81
C ILE A 76 16.28 18.26 -10.79
N ASP A 77 14.99 18.50 -10.57
CA ASP A 77 13.94 18.03 -11.47
C ASP A 77 13.56 19.12 -12.47
N ILE A 78 13.95 18.91 -13.73
CA ILE A 78 13.70 19.85 -14.81
C ILE A 78 12.32 19.68 -15.39
N GLY A 79 11.49 20.70 -15.29
CA GLY A 79 10.20 20.70 -15.97
C GLY A 79 9.21 19.82 -15.25
N SER A 80 9.10 20.07 -13.94
CA SER A 80 8.33 19.25 -13.05
C SER A 80 6.86 19.25 -13.40
N GLY A 81 6.40 20.38 -13.92
CA GLY A 81 4.98 20.61 -14.07
C GLY A 81 4.26 20.47 -12.73
N PRO A 82 3.05 19.89 -12.77
CA PRO A 82 2.34 19.78 -11.50
C PRO A 82 2.55 18.40 -10.87
N THR A 83 3.63 17.70 -11.19
CA THR A 83 3.74 16.31 -10.77
C THR A 83 4.98 16.02 -9.93
N VAL A 84 4.84 15.02 -9.07
CA VAL A 84 5.89 14.67 -8.10
C VAL A 84 6.37 13.22 -8.27
N TYR A 85 5.57 12.42 -8.96
CA TYR A 85 5.85 11.00 -9.14
C TYR A 85 7.27 10.72 -9.61
N GLN A 86 7.82 11.62 -10.41
CA GLN A 86 9.13 11.37 -10.97
C GLN A 86 10.21 11.35 -9.88
N LEU A 87 9.86 11.74 -8.66
CA LEU A 87 10.86 11.84 -7.60
C LEU A 87 10.69 10.86 -6.44
N LEU A 88 9.64 10.04 -6.50
CA LEU A 88 9.30 9.16 -5.38
C LEU A 88 10.44 8.23 -4.98
N SER A 89 11.09 7.61 -5.96
CA SER A 89 12.15 6.66 -5.65
C SER A 89 13.42 7.43 -5.42
N ALA A 90 13.51 8.57 -6.09
CA ALA A 90 14.71 9.37 -6.09
C ALA A 90 14.99 9.96 -4.72
N CYS A 91 13.93 10.35 -4.00
CA CYS A 91 14.06 11.15 -2.78
C CYS A 91 14.90 10.48 -1.68
N SER A 92 15.14 9.18 -1.79
CA SER A 92 15.89 8.51 -0.73
C SER A 92 17.39 8.52 -0.96
N HIS A 93 17.83 9.08 -2.09
CA HIS A 93 19.25 9.05 -2.46
C HIS A 93 19.90 10.43 -2.51
N PHE A 94 19.08 11.46 -2.39
CA PHE A 94 19.53 12.85 -2.42
C PHE A 94 18.80 13.68 -1.36
N GLU A 95 19.56 14.34 -0.49
CA GLU A 95 18.95 15.10 0.60
C GLU A 95 18.45 16.47 0.17
N ASP A 96 19.12 17.07 -0.82
CA ASP A 96 18.71 18.36 -1.34
C ASP A 96 18.05 18.21 -2.70
N ILE A 97 16.73 18.37 -2.74
CA ILE A 97 16.01 18.23 -3.99
C ILE A 97 15.35 19.53 -4.45
N THR A 98 15.59 19.86 -5.71
CA THR A 98 15.08 21.07 -6.32
C THR A 98 14.12 20.77 -7.47
N MET A 99 12.95 21.39 -7.44
CA MET A 99 11.95 21.19 -8.49
C MET A 99 11.78 22.49 -9.28
N THR A 100 11.43 22.36 -10.55
CA THR A 100 11.37 23.53 -11.41
C THR A 100 10.22 23.40 -12.38
N ASP A 101 9.77 24.55 -12.89
CA ASP A 101 8.89 24.58 -14.05
C ASP A 101 8.84 25.97 -14.64
N PHE A 102 8.28 26.07 -15.84
CA PHE A 102 8.15 27.32 -16.54
C PHE A 102 7.01 28.16 -15.98
N LEU A 103 5.87 27.50 -15.75
CA LEU A 103 4.65 28.22 -15.38
C LEU A 103 4.48 28.39 -13.88
N GLU A 104 4.00 29.57 -13.48
CA GLU A 104 3.68 29.83 -12.08
C GLU A 104 2.60 28.87 -11.58
N VAL A 105 1.55 28.71 -12.38
CA VAL A 105 0.40 27.88 -12.00
C VAL A 105 0.80 26.46 -11.56
N ASN A 106 1.86 25.92 -12.18
CA ASN A 106 2.37 24.60 -11.82
C ASN A 106 3.08 24.61 -10.46
N ARG A 107 3.91 25.62 -10.26
CA ARG A 107 4.65 25.76 -9.01
C ARG A 107 3.66 25.91 -7.88
N GLN A 108 2.58 26.64 -8.14
CA GLN A 108 1.55 26.81 -7.14
C GLN A 108 0.88 25.47 -6.89
N GLU A 109 0.72 24.69 -7.95
CA GLU A 109 0.09 23.37 -7.85
C GLU A 109 0.98 22.40 -7.08
N LEU A 110 2.30 22.51 -7.29
CA LEU A 110 3.26 21.74 -6.51
C LEU A 110 3.23 22.16 -5.05
N GLY A 111 3.27 23.47 -4.83
CA GLY A 111 3.21 24.01 -3.49
C GLY A 111 2.05 23.42 -2.72
N ARG A 112 0.88 23.45 -3.36
CA ARG A 112 -0.34 22.92 -2.76
C ARG A 112 -0.21 21.50 -2.23
N TRP A 113 0.60 20.69 -2.90
CA TRP A 113 0.82 19.32 -2.45
C TRP A 113 1.98 19.25 -1.46
N LEU A 114 3.02 20.05 -1.70
CA LEU A 114 4.17 20.03 -0.80
C LEU A 114 3.75 20.43 0.61
N GLN A 115 2.87 21.42 0.71
CA GLN A 115 2.49 21.97 1.99
C GLN A 115 1.17 21.36 2.45
N GLU A 116 0.76 20.27 1.80
CA GLU A 116 -0.45 19.56 2.18
C GLU A 116 -1.64 20.53 2.27
N GLU A 117 -1.68 21.49 1.37
CA GLU A 117 -2.71 22.50 1.40
C GLU A 117 -4.05 21.96 0.90
N PRO A 118 -5.09 22.80 0.93
CA PRO A 118 -6.41 22.47 0.38
C PRO A 118 -6.42 22.31 -1.13
N GLY A 119 -7.01 21.22 -1.60
CA GLY A 119 -7.17 20.99 -3.02
C GLY A 119 -5.90 20.48 -3.64
N ALA A 120 -5.03 19.88 -2.84
CA ALA A 120 -3.84 19.29 -3.39
C ALA A 120 -4.29 18.09 -4.22
N PHE A 121 -3.47 17.68 -5.19
CA PHE A 121 -3.72 16.48 -5.98
C PHE A 121 -3.30 15.28 -5.18
N ASN A 122 -4.01 14.17 -5.35
CA ASN A 122 -3.72 12.95 -4.62
C ASN A 122 -2.73 12.02 -5.33
N TRP A 123 -1.49 12.05 -4.86
CA TRP A 123 -0.44 11.23 -5.44
C TRP A 123 -0.29 9.89 -4.74
N SER A 124 -1.17 9.64 -3.77
CA SER A 124 -1.03 8.51 -2.85
C SER A 124 -1.00 7.14 -3.53
N MET A 125 -1.75 6.98 -4.63
CA MET A 125 -1.69 5.74 -5.41
C MET A 125 -0.27 5.53 -5.95
N TYR A 126 0.37 6.63 -6.34
CA TYR A 126 1.71 6.58 -6.88
C TYR A 126 2.72 6.32 -5.74
N SER A 127 2.53 6.98 -4.61
CA SER A 127 3.35 6.73 -3.41
C SER A 127 3.28 5.26 -3.00
N GLN A 128 2.06 4.75 -2.93
CA GLN A 128 1.83 3.35 -2.61
C GLN A 128 2.57 2.43 -3.57
N HIS A 129 2.48 2.70 -4.87
CA HIS A 129 3.15 1.82 -5.82
C HIS A 129 4.66 1.87 -5.78
N ALA A 130 5.22 3.06 -5.57
CA ALA A 130 6.65 3.13 -5.43
C ALA A 130 7.07 2.26 -4.25
N CYS A 131 6.36 2.36 -3.12
CA CYS A 131 6.74 1.57 -1.95
C CYS A 131 6.66 0.09 -2.30
N LEU A 132 5.62 -0.26 -3.06
CA LEU A 132 5.40 -1.62 -3.52
C LEU A 132 6.61 -2.10 -4.31
N ILE A 133 7.00 -1.33 -5.33
CA ILE A 133 8.10 -1.68 -6.22
C ILE A 133 9.48 -1.75 -5.57
N GLU A 134 9.83 -0.76 -4.76
CA GLU A 134 11.15 -0.74 -4.13
C GLU A 134 11.22 -1.87 -3.12
N GLY A 135 10.05 -2.36 -2.70
CA GLY A 135 9.98 -3.51 -1.82
C GLY A 135 10.87 -3.42 -0.60
N LYS A 136 10.73 -2.34 0.17
CA LYS A 136 11.45 -2.20 1.43
C LYS A 136 10.46 -2.12 2.58
N GLY A 137 9.22 -2.53 2.32
CA GLY A 137 8.20 -2.51 3.34
C GLY A 137 7.88 -1.12 3.84
N GLU A 138 8.39 -0.11 3.16
CA GLU A 138 8.14 1.28 3.58
C GLU A 138 6.69 1.64 3.40
N CYS A 139 6.15 2.40 4.33
CA CYS A 139 4.76 2.82 4.18
C CYS A 139 4.78 4.08 3.34
N TRP A 140 3.66 4.37 2.69
CA TRP A 140 3.65 5.45 1.72
C TRP A 140 3.64 6.83 2.34
N GLN A 141 3.20 6.94 3.59
CA GLN A 141 3.27 8.23 4.27
C GLN A 141 4.71 8.59 4.62
N ASP A 142 5.54 7.58 4.87
CA ASP A 142 6.94 7.84 5.15
C ASP A 142 7.59 8.33 3.86
N LYS A 143 7.08 7.82 2.75
CA LYS A 143 7.65 8.11 1.46
C LYS A 143 7.32 9.56 1.09
N GLU A 144 6.06 9.94 1.26
CA GLU A 144 5.64 11.31 0.96
C GLU A 144 6.33 12.26 1.93
N ARG A 145 6.43 11.83 3.18
CA ARG A 145 7.04 12.63 4.25
C ARG A 145 8.47 12.97 3.84
N GLN A 146 9.20 11.95 3.38
CA GLN A 146 10.61 12.11 3.00
C GLN A 146 10.73 13.01 1.80
N LEU A 147 9.81 12.84 0.85
CA LEU A 147 9.84 13.64 -0.36
C LEU A 147 9.56 15.10 -0.03
N ARG A 148 8.40 15.36 0.57
CA ARG A 148 8.03 16.71 1.01
C ARG A 148 9.16 17.40 1.77
N ALA A 149 9.84 16.63 2.60
CA ALA A 149 10.94 17.15 3.41
C ALA A 149 12.17 17.45 2.55
N ARG A 150 12.56 16.51 1.70
CA ARG A 150 13.82 16.67 0.97
C ARG A 150 13.75 17.72 -0.13
N VAL A 151 12.54 18.10 -0.54
CA VAL A 151 12.35 19.14 -1.54
C VAL A 151 12.51 20.51 -0.87
N LYS A 152 13.61 21.17 -1.18
CA LYS A 152 13.97 22.40 -0.50
C LYS A 152 13.35 23.62 -1.18
N ARG A 153 13.28 23.58 -2.51
CA ARG A 153 12.79 24.73 -3.27
C ARG A 153 12.14 24.37 -4.62
N VAL A 154 11.13 25.15 -4.98
CA VAL A 154 10.47 25.03 -6.28
C VAL A 154 10.78 26.29 -7.08
N LEU A 155 11.48 26.12 -8.20
CA LEU A 155 11.98 27.25 -8.98
C LEU A 155 11.35 27.38 -10.36
N PRO A 156 11.30 28.63 -10.87
CA PRO A 156 10.92 28.82 -12.26
C PRO A 156 12.11 28.47 -13.16
N ILE A 157 11.85 28.20 -14.43
CA ILE A 157 12.88 27.67 -15.29
C ILE A 157 12.50 27.76 -16.76
N ASP A 158 13.50 28.00 -17.60
CA ASP A 158 13.30 27.99 -19.04
C ASP A 158 14.48 27.28 -19.66
N VAL A 159 14.22 26.12 -20.26
CA VAL A 159 15.29 25.30 -20.82
C VAL A 159 15.94 25.88 -22.08
N HIS A 160 15.24 26.80 -22.74
CA HIS A 160 15.78 27.48 -23.92
C HIS A 160 16.96 28.38 -23.58
N GLN A 161 16.88 29.06 -22.43
CA GLN A 161 18.00 29.84 -21.91
C GLN A 161 19.23 28.95 -21.69
N PRO A 162 20.41 29.43 -22.11
CA PRO A 162 21.69 28.69 -21.98
C PRO A 162 22.09 28.58 -20.52
N GLN A 163 21.54 29.47 -19.70
CA GLN A 163 21.57 29.35 -18.25
C GLN A 163 20.11 29.27 -17.79
N PRO A 164 19.53 28.06 -17.84
CA PRO A 164 18.09 27.83 -17.65
C PRO A 164 17.57 28.21 -16.26
N LEU A 165 18.48 28.39 -15.30
CA LEU A 165 18.08 28.78 -13.96
C LEU A 165 18.55 30.18 -13.59
N GLY A 166 18.89 30.98 -14.59
CA GLY A 166 19.34 32.33 -14.35
C GLY A 166 20.75 32.38 -13.80
N ALA A 167 21.13 33.50 -13.21
CA ALA A 167 22.49 33.68 -12.71
C ALA A 167 22.66 33.27 -11.24
N GLY A 168 21.84 33.84 -10.37
CA GLY A 168 21.98 33.61 -8.95
C GLY A 168 20.88 32.76 -8.37
N SER A 169 20.79 31.53 -8.85
CA SER A 169 19.76 30.58 -8.40
C SER A 169 20.08 30.03 -7.02
N PRO A 170 19.05 29.90 -6.17
CA PRO A 170 19.17 29.31 -4.83
C PRO A 170 19.54 27.83 -4.89
N ALA A 171 19.75 27.31 -6.10
CA ALA A 171 20.02 25.89 -6.31
C ALA A 171 21.51 25.56 -6.30
N PRO A 172 21.88 24.54 -5.54
CA PRO A 172 23.28 24.10 -5.51
C PRO A 172 23.71 23.67 -6.90
N LEU A 173 24.84 24.19 -7.36
CA LEU A 173 25.39 23.78 -8.64
C LEU A 173 26.87 23.47 -8.51
N PRO A 174 27.36 22.51 -9.32
CA PRO A 174 26.53 21.70 -10.21
C PRO A 174 25.85 20.58 -9.42
N ALA A 175 24.69 20.15 -9.90
CA ALA A 175 23.90 19.13 -9.22
C ALA A 175 24.57 17.77 -9.36
N ASP A 176 24.25 16.85 -8.45
CA ASP A 176 24.81 15.52 -8.51
C ASP A 176 24.07 14.69 -9.53
N ALA A 177 22.81 15.05 -9.76
CA ALA A 177 21.99 14.36 -10.76
C ALA A 177 20.84 15.23 -11.29
N LEU A 178 20.29 14.83 -12.44
CA LEU A 178 19.12 15.48 -13.02
C LEU A 178 17.99 14.48 -13.33
N VAL A 179 16.76 14.96 -13.24
CA VAL A 179 15.58 14.19 -13.62
C VAL A 179 14.65 15.06 -14.47
N SER A 180 14.18 14.53 -15.59
CA SER A 180 13.23 15.27 -16.41
C SER A 180 12.29 14.33 -17.15
N ALA A 181 11.00 14.61 -17.04
CA ALA A 181 9.98 13.79 -17.67
C ALA A 181 9.03 14.61 -18.55
N PHE A 182 8.95 14.26 -19.83
CA PHE A 182 7.97 14.90 -20.72
C PHE A 182 8.14 16.41 -20.87
N CYS A 183 9.38 16.88 -20.82
CA CYS A 183 9.66 18.31 -20.92
C CYS A 183 10.23 18.74 -22.28
N LEU A 184 11.50 18.39 -22.52
CA LEU A 184 12.18 18.82 -23.74
C LEU A 184 11.33 18.63 -24.99
N GLU A 185 10.97 17.40 -25.30
CA GLU A 185 10.23 17.15 -26.53
C GLU A 185 8.94 17.95 -26.57
N ALA A 186 8.49 18.44 -25.42
CA ALA A 186 7.22 19.14 -25.35
C ALA A 186 7.37 20.64 -25.44
N VAL A 187 8.59 21.13 -25.24
CA VAL A 187 8.85 22.57 -25.32
C VAL A 187 9.71 22.95 -26.55
N SER A 188 9.99 21.96 -27.39
CA SER A 188 10.90 22.14 -28.51
C SER A 188 10.16 21.91 -29.81
N PRO A 189 10.27 22.86 -30.75
CA PRO A 189 9.64 22.86 -32.08
C PRO A 189 10.19 21.80 -33.02
N ASP A 190 11.45 21.42 -32.81
CA ASP A 190 12.10 20.45 -33.69
C ASP A 190 13.30 19.83 -33.03
N LEU A 191 13.92 18.88 -33.75
CA LEU A 191 15.07 18.14 -33.25
C LEU A 191 16.19 19.04 -32.73
N ALA A 192 16.67 19.96 -33.56
CA ALA A 192 17.79 20.82 -33.19
C ALA A 192 17.48 21.63 -31.96
N SER A 193 16.24 22.08 -31.85
CA SER A 193 15.82 22.83 -30.66
C SER A 193 15.90 21.90 -29.46
N PHE A 194 15.35 20.70 -29.63
CA PHE A 194 15.38 19.67 -28.60
C PHE A 194 16.82 19.42 -28.17
N GLN A 195 17.75 19.50 -29.13
CA GLN A 195 19.14 19.19 -28.85
C GLN A 195 19.74 20.28 -27.99
N ARG A 196 19.43 21.53 -28.33
CA ARG A 196 19.98 22.65 -27.59
C ARG A 196 19.47 22.66 -26.16
N ALA A 197 18.17 22.40 -26.01
CA ALA A 197 17.55 22.30 -24.68
C ALA A 197 18.31 21.32 -23.80
N LEU A 198 18.70 20.20 -24.38
CA LEU A 198 19.51 19.22 -23.67
C LEU A 198 20.87 19.82 -23.30
N ASP A 199 21.59 20.27 -24.31
CA ASP A 199 22.86 20.95 -24.09
C ASP A 199 22.71 21.87 -22.87
N HIS A 200 21.63 22.64 -22.87
CA HIS A 200 21.44 23.68 -21.86
C HIS A 200 21.43 23.07 -20.47
N ILE A 201 20.45 22.23 -20.20
CA ILE A 201 20.27 21.66 -18.88
C ILE A 201 21.46 20.80 -18.51
N THR A 202 22.16 20.28 -19.52
CA THR A 202 23.31 19.43 -19.23
C THR A 202 24.36 20.21 -18.46
N THR A 203 24.41 21.52 -18.68
CA THR A 203 25.39 22.37 -18.03
C THR A 203 25.22 22.39 -16.53
N LEU A 204 23.99 22.11 -16.07
CA LEU A 204 23.66 22.12 -14.65
C LEU A 204 24.15 20.86 -13.98
N LEU A 205 24.44 19.86 -14.80
CA LEU A 205 24.86 18.56 -14.30
C LEU A 205 26.37 18.50 -14.12
N ARG A 206 26.79 18.17 -12.90
CA ARG A 206 28.20 17.95 -12.64
C ARG A 206 28.77 16.89 -13.58
N PRO A 207 30.04 17.06 -13.98
CA PRO A 207 30.69 16.02 -14.79
C PRO A 207 30.81 14.72 -14.01
N GLY A 208 30.36 13.63 -14.60
CA GLY A 208 30.35 12.35 -13.91
C GLY A 208 29.03 12.10 -13.22
N GLY A 209 28.13 13.07 -13.29
CA GLY A 209 26.81 12.94 -12.69
C GLY A 209 25.84 12.14 -13.55
N HIS A 210 24.57 12.15 -13.16
CA HIS A 210 23.57 11.33 -13.84
C HIS A 210 22.34 12.09 -14.34
N LEU A 211 21.79 11.62 -15.46
CA LEU A 211 20.53 12.14 -15.96
C LEU A 211 19.55 10.99 -16.15
N LEU A 212 18.34 11.18 -15.63
CA LEU A 212 17.28 10.23 -15.88
C LEU A 212 16.17 10.92 -16.70
N LEU A 213 16.17 10.66 -18.01
CA LEU A 213 15.25 11.33 -18.93
C LEU A 213 14.09 10.44 -19.40
N ILE A 214 12.88 10.95 -19.24
CA ILE A 214 11.68 10.28 -19.71
C ILE A 214 10.99 11.23 -20.67
N GLY A 215 10.31 10.68 -21.66
CA GLY A 215 9.60 11.50 -22.61
C GLY A 215 8.68 10.68 -23.50
N ALA A 216 7.93 11.37 -24.34
CA ALA A 216 7.03 10.72 -25.26
C ALA A 216 7.80 10.42 -26.53
N LEU A 217 7.35 9.40 -27.26
CA LEU A 217 7.97 9.01 -28.51
C LEU A 217 6.99 9.23 -29.63
N GLU A 218 7.48 9.87 -30.69
CA GLU A 218 6.71 10.11 -31.89
C GLU A 218 5.37 10.76 -31.56
N GLU A 219 5.39 11.68 -30.61
CA GLU A 219 4.24 12.45 -30.20
C GLU A 219 4.32 13.80 -30.90
N SER A 220 3.18 14.39 -31.24
CA SER A 220 3.26 15.67 -31.92
C SER A 220 2.36 16.74 -31.32
N TRP A 221 1.46 16.34 -30.45
CA TRP A 221 0.58 17.28 -29.76
C TRP A 221 -0.03 16.60 -28.55
N TYR A 222 -0.43 17.38 -27.57
CA TYR A 222 -1.23 16.90 -26.44
C TYR A 222 -1.96 18.08 -25.84
N LEU A 223 -3.02 17.79 -25.09
CA LEU A 223 -3.91 18.82 -24.62
C LEU A 223 -3.78 19.00 -23.10
N ALA A 224 -4.01 20.23 -22.65
CA ALA A 224 -4.01 20.55 -21.24
C ALA A 224 -5.10 21.59 -21.01
N GLY A 225 -6.35 21.18 -21.22
CA GLY A 225 -7.48 22.06 -21.06
C GLY A 225 -7.74 22.80 -22.35
N GLU A 226 -7.77 24.13 -22.27
CA GLU A 226 -7.98 24.98 -23.43
C GLU A 226 -6.72 25.09 -24.30
N ALA A 227 -5.57 24.77 -23.72
CA ALA A 227 -4.29 24.80 -24.43
C ALA A 227 -4.11 23.59 -25.32
N ARG A 228 -3.34 23.76 -26.39
CA ARG A 228 -3.04 22.69 -27.32
C ARG A 228 -1.57 22.76 -27.70
N LEU A 229 -0.76 21.94 -27.03
CA LEU A 229 0.68 22.00 -27.14
C LEU A 229 1.22 21.23 -28.33
N THR A 230 2.20 21.83 -28.99
CA THR A 230 2.89 21.18 -30.09
C THR A 230 4.08 20.42 -29.54
N VAL A 231 4.29 19.22 -30.06
CA VAL A 231 5.35 18.38 -29.55
C VAL A 231 6.19 17.97 -30.73
N VAL A 232 7.49 17.86 -30.52
CA VAL A 232 8.38 17.29 -31.53
C VAL A 232 8.42 15.75 -31.43
N PRO A 233 7.94 15.07 -32.47
CA PRO A 233 7.95 13.61 -32.52
C PRO A 233 9.37 13.08 -32.63
N VAL A 234 9.85 12.43 -31.57
CA VAL A 234 11.20 11.86 -31.57
C VAL A 234 11.19 10.33 -31.49
N SER A 235 12.35 9.72 -31.60
CA SER A 235 12.46 8.27 -31.53
C SER A 235 13.59 7.87 -30.61
N GLU A 236 13.58 6.60 -30.20
CA GLU A 236 14.66 6.06 -29.37
C GLU A 236 16.03 6.40 -29.97
N GLU A 237 16.16 6.26 -31.29
CA GLU A 237 17.43 6.47 -31.97
C GLU A 237 17.85 7.94 -31.94
N GLU A 238 16.90 8.81 -32.23
CA GLU A 238 17.14 10.24 -32.15
C GLU A 238 17.54 10.63 -30.74
N VAL A 239 16.83 10.06 -29.77
CA VAL A 239 17.04 10.42 -28.38
C VAL A 239 18.42 9.97 -27.90
N ARG A 240 18.80 8.76 -28.25
CA ARG A 240 20.12 8.27 -27.90
C ARG A 240 21.19 9.21 -28.46
N GLU A 241 21.06 9.51 -29.75
CA GLU A 241 22.07 10.26 -30.46
C GLU A 241 22.22 11.64 -29.82
N ALA A 242 21.10 12.21 -29.38
CA ALA A 242 21.11 13.54 -28.79
C ALA A 242 21.81 13.54 -27.42
N LEU A 243 21.60 12.49 -26.66
CA LEU A 243 22.29 12.33 -25.38
C LEU A 243 23.80 12.20 -25.63
N VAL A 244 24.18 11.45 -26.65
CA VAL A 244 25.57 11.32 -27.02
C VAL A 244 26.17 12.68 -27.40
N ARG A 245 25.53 13.34 -28.35
CA ARG A 245 25.95 14.66 -28.78
C ARG A 245 26.15 15.60 -27.59
N SER A 246 25.29 15.47 -26.58
CA SER A 246 25.37 16.36 -25.43
C SER A 246 26.49 15.94 -24.49
N GLY A 247 27.14 14.83 -24.81
CA GLY A 247 28.30 14.40 -24.06
C GLY A 247 28.01 13.40 -22.96
N TYR A 248 26.94 12.62 -23.11
CA TYR A 248 26.59 11.61 -22.14
C TYR A 248 27.06 10.23 -22.56
N LYS A 249 27.35 9.38 -21.57
CA LYS A 249 27.45 7.96 -21.81
C LYS A 249 26.08 7.38 -21.50
N VAL A 250 25.42 6.79 -22.48
CA VAL A 250 24.11 6.19 -22.25
C VAL A 250 24.29 4.87 -21.54
N ARG A 251 23.72 4.76 -20.34
CA ARG A 251 23.83 3.54 -19.53
C ARG A 251 22.65 2.61 -19.83
N ASP A 252 21.51 3.21 -20.17
CA ASP A 252 20.30 2.45 -20.40
C ASP A 252 19.25 3.27 -21.13
N LEU A 253 18.52 2.61 -22.04
CA LEU A 253 17.52 3.29 -22.85
C LEU A 253 16.40 2.31 -23.19
N ARG A 254 15.29 2.43 -22.46
CA ARG A 254 14.17 1.50 -22.58
C ARG A 254 12.92 2.15 -23.18
N THR A 255 12.13 1.35 -23.85
CA THR A 255 10.95 1.85 -24.55
C THR A 255 9.68 1.11 -24.15
N TYR A 256 8.66 1.88 -23.83
CA TYR A 256 7.34 1.36 -23.54
C TYR A 256 6.43 1.74 -24.70
N ILE A 257 5.72 0.77 -25.26
CA ILE A 257 4.82 1.04 -26.39
C ILE A 257 3.41 1.30 -25.88
N MET A 258 2.84 2.44 -26.27
CA MET A 258 1.59 2.82 -25.65
C MET A 258 0.46 1.88 -26.09
N PRO A 259 -0.15 1.16 -25.13
CA PRO A 259 -1.24 0.22 -25.43
C PRO A 259 -2.48 0.97 -25.93
N ALA A 260 -3.28 0.34 -26.77
CA ALA A 260 -4.51 0.96 -27.29
C ALA A 260 -5.36 1.60 -26.19
N HIS A 261 -5.64 0.85 -25.13
CA HIS A 261 -6.57 1.32 -24.12
C HIS A 261 -6.02 2.51 -23.34
N LEU A 262 -4.80 2.95 -23.66
CA LEU A 262 -4.29 4.18 -23.05
C LEU A 262 -4.08 5.28 -24.10
N GLN A 263 -4.64 5.05 -25.29
CA GLN A 263 -4.70 6.08 -26.32
C GLN A 263 -6.04 6.76 -26.20
N THR A 264 -6.04 7.96 -25.64
CA THR A 264 -7.24 8.52 -25.05
C THR A 264 -7.77 9.80 -25.71
N GLY A 265 -7.06 10.30 -26.72
CA GLY A 265 -7.48 11.54 -27.35
C GLY A 265 -7.04 12.79 -26.60
N VAL A 266 -6.08 12.62 -25.68
CA VAL A 266 -5.46 13.76 -25.00
C VAL A 266 -4.12 14.02 -25.65
N ASP A 267 -3.69 13.10 -26.49
CA ASP A 267 -2.44 13.28 -27.22
C ASP A 267 -2.36 12.29 -28.35
N ASP A 268 -1.19 12.16 -28.95
CA ASP A 268 -1.01 11.13 -29.95
C ASP A 268 0.31 10.42 -29.70
N VAL A 269 0.71 10.38 -28.44
CA VAL A 269 1.93 9.68 -28.05
C VAL A 269 1.83 8.25 -28.58
N LYS A 270 2.93 7.72 -29.11
CA LYS A 270 2.94 6.35 -29.64
C LYS A 270 3.58 5.38 -28.64
N GLY A 271 4.53 5.90 -27.87
CA GLY A 271 5.26 5.14 -26.89
C GLY A 271 5.91 6.11 -25.93
N VAL A 272 6.58 5.58 -24.90
CA VAL A 272 7.27 6.38 -23.91
C VAL A 272 8.69 5.81 -23.74
N PHE A 273 9.69 6.70 -23.68
CA PHE A 273 11.08 6.27 -23.57
C PHE A 273 11.67 6.66 -22.23
N PHE A 274 12.60 5.83 -21.75
CA PHE A 274 13.32 6.15 -20.52
C PHE A 274 14.81 6.00 -20.70
N ALA A 275 15.55 7.05 -20.35
CA ALA A 275 17.01 7.02 -20.49
C ALA A 275 17.79 7.26 -19.19
N TRP A 276 18.76 6.39 -18.94
CA TRP A 276 19.71 6.59 -17.86
C TRP A 276 21.05 6.96 -18.47
N ALA A 277 21.38 8.25 -18.40
CA ALA A 277 22.57 8.78 -19.03
C ALA A 277 23.53 9.33 -18.00
N GLN A 278 24.83 9.24 -18.30
CA GLN A 278 25.88 9.73 -17.40
C GLN A 278 26.84 10.69 -18.11
N LYS A 279 26.97 11.88 -17.55
CA LYS A 279 27.86 12.91 -18.08
C LYS A 279 29.31 12.47 -17.89
N VAL A 280 30.06 12.39 -18.98
CA VAL A 280 31.41 11.87 -18.91
C VAL A 280 32.43 13.00 -18.87
N PRO B 14 -17.65 -28.43 36.53
CA PRO B 14 -18.85 -27.94 37.21
C PRO B 14 -19.94 -27.48 36.25
N ASP B 15 -20.22 -26.19 36.26
CA ASP B 15 -21.27 -25.63 35.44
C ASP B 15 -20.75 -24.49 34.57
N SER B 16 -20.89 -24.65 33.26
CA SER B 16 -20.41 -23.67 32.30
C SER B 16 -21.43 -22.55 32.09
N ALA B 17 -22.70 -22.93 32.09
CA ALA B 17 -23.81 -22.02 31.81
C ALA B 17 -23.71 -20.58 32.38
N PRO B 18 -23.45 -20.42 33.68
CA PRO B 18 -23.48 -19.07 34.27
C PRO B 18 -22.41 -18.12 33.70
N GLY B 19 -21.14 -18.54 33.75
CA GLY B 19 -20.07 -17.75 33.17
C GLY B 19 -20.36 -17.32 31.73
N GLN B 20 -20.81 -18.26 30.91
CA GLN B 20 -21.19 -17.94 29.54
C GLN B 20 -22.28 -16.88 29.48
N ALA B 21 -23.30 -17.03 30.33
CA ALA B 21 -24.38 -16.06 30.39
C ALA B 21 -23.83 -14.69 30.71
N ALA B 22 -22.84 -14.67 31.61
CA ALA B 22 -22.20 -13.43 32.03
C ALA B 22 -21.55 -12.79 30.81
N VAL B 23 -20.65 -13.56 30.18
CA VAL B 23 -20.03 -13.19 28.90
C VAL B 23 -21.03 -12.66 27.87
N ALA B 24 -22.03 -13.47 27.53
CA ALA B 24 -23.07 -13.02 26.61
C ALA B 24 -23.67 -11.69 27.03
N SER B 25 -23.99 -11.57 28.32
CA SER B 25 -24.63 -10.37 28.84
C SER B 25 -23.75 -9.15 28.61
N ALA B 26 -22.48 -9.28 29.00
CA ALA B 26 -21.52 -8.20 28.82
C ALA B 26 -21.44 -7.71 27.38
N TYR B 27 -21.45 -8.64 26.42
CA TYR B 27 -21.28 -8.28 25.00
C TYR B 27 -22.44 -7.49 24.40
N GLN B 28 -23.57 -7.45 25.10
CA GLN B 28 -24.72 -6.70 24.64
C GLN B 28 -24.46 -5.20 24.67
N ARG B 29 -23.33 -4.81 25.24
CA ARG B 29 -22.94 -3.40 25.29
C ARG B 29 -21.76 -3.10 24.35
N PHE B 30 -21.26 -4.14 23.69
CA PHE B 30 -20.13 -4.03 22.76
C PHE B 30 -20.46 -3.00 21.68
N GLU B 31 -19.55 -2.03 21.47
CA GLU B 31 -19.70 -1.00 20.43
C GLU B 31 -18.63 -1.15 19.34
N PRO B 32 -19.01 -1.71 18.17
CA PRO B 32 -18.06 -1.99 17.10
C PRO B 32 -17.18 -0.79 16.75
N ARG B 33 -17.79 0.36 16.50
CA ARG B 33 -17.03 1.53 16.10
C ARG B 33 -15.97 1.87 17.14
N ALA B 34 -16.31 1.64 18.41
CA ALA B 34 -15.39 1.88 19.52
C ALA B 34 -14.22 0.91 19.48
N TYR B 35 -14.54 -0.37 19.31
CA TYR B 35 -13.54 -1.42 19.20
C TYR B 35 -12.57 -1.09 18.08
N LEU B 36 -13.13 -0.63 16.97
CA LEU B 36 -12.36 -0.31 15.77
C LEU B 36 -11.45 0.88 16.03
N ARG B 37 -11.98 1.86 16.74
CA ARG B 37 -11.22 3.04 17.06
C ARG B 37 -10.07 2.65 18.00
N ASN B 38 -10.34 1.72 18.92
CA ASN B 38 -9.37 1.40 19.96
C ASN B 38 -8.23 0.55 19.46
N ASN B 39 -8.52 -0.34 18.50
CA ASN B 39 -7.57 -1.37 18.10
C ASN B 39 -6.99 -1.28 16.68
N TYR B 40 -7.69 -0.58 15.80
CA TYR B 40 -7.31 -0.57 14.39
C TYR B 40 -7.24 0.85 13.82
N ALA B 41 -7.33 1.85 14.68
CA ALA B 41 -6.93 3.19 14.32
C ALA B 41 -5.67 3.50 15.14
N PRO B 42 -4.87 4.48 14.68
CA PRO B 42 -3.62 4.79 15.38
C PRO B 42 -3.82 4.94 16.88
N PRO B 43 -2.78 4.67 17.69
CA PRO B 43 -1.40 4.35 17.30
C PRO B 43 -1.21 2.90 16.90
N ARG B 44 -2.13 2.02 17.29
CA ARG B 44 -2.05 0.61 16.93
C ARG B 44 -2.33 0.42 15.45
N GLY B 45 -3.19 1.28 14.92
CA GLY B 45 -3.57 1.22 13.52
C GLY B 45 -2.48 1.81 12.63
N ASP B 46 -1.49 2.45 13.22
CA ASP B 46 -0.40 3.02 12.44
C ASP B 46 0.51 1.93 11.91
N LEU B 47 0.40 1.67 10.61
CA LEU B 47 1.10 0.55 10.05
C LEU B 47 2.51 0.93 9.58
N CYS B 48 2.93 2.15 9.89
CA CYS B 48 4.21 2.63 9.39
C CYS B 48 5.39 2.09 10.16
N ASN B 49 5.24 1.92 11.46
CA ASN B 49 6.30 1.32 12.26
C ASN B 49 6.23 -0.19 12.16
N PRO B 50 7.30 -0.79 11.60
CA PRO B 50 7.41 -2.23 11.40
C PRO B 50 7.39 -2.97 12.73
N ASN B 51 7.68 -2.25 13.81
CA ASN B 51 7.74 -2.84 15.14
C ASN B 51 6.40 -2.83 15.81
N GLY B 52 5.42 -2.21 15.18
CA GLY B 52 4.07 -2.18 15.71
C GLY B 52 3.34 -3.50 15.57
N VAL B 53 2.28 -3.66 16.37
CA VAL B 53 1.49 -4.90 16.43
C VAL B 53 0.77 -5.22 15.12
N GLY B 54 0.20 -4.20 14.48
CA GLY B 54 -0.44 -4.40 13.20
C GLY B 54 0.47 -5.08 12.19
N PRO B 55 1.62 -4.44 11.87
CA PRO B 55 2.48 -5.13 10.91
C PRO B 55 2.79 -6.56 11.34
N TRP B 56 3.11 -6.75 12.61
CA TRP B 56 3.50 -8.07 13.10
C TRP B 56 2.44 -9.12 12.78
N LYS B 57 1.18 -8.75 13.00
CA LYS B 57 0.09 -9.67 12.72
C LYS B 57 -0.02 -10.03 11.25
N LEU B 58 -0.04 -9.01 10.38
CA LEU B 58 -0.18 -9.25 8.93
C LEU B 58 0.99 -10.07 8.44
N ARG B 59 2.14 -9.81 9.04
CA ARG B 59 3.34 -10.51 8.69
C ARG B 59 3.25 -11.99 9.11
N CYS B 60 2.62 -12.28 10.24
CA CYS B 60 2.49 -13.69 10.65
C CYS B 60 1.57 -14.42 9.68
N LEU B 61 0.52 -13.72 9.26
CA LEU B 61 -0.44 -14.29 8.34
C LEU B 61 0.21 -14.46 6.95
N ALA B 62 0.83 -13.40 6.45
CA ALA B 62 1.45 -13.44 5.13
C ALA B 62 2.49 -14.56 5.01
N GLN B 63 3.47 -14.55 5.91
CA GLN B 63 4.50 -15.57 5.91
C GLN B 63 3.95 -16.99 5.92
N THR B 64 2.83 -17.18 6.61
CA THR B 64 2.27 -18.51 6.78
C THR B 64 1.62 -19.01 5.49
N PHE B 65 0.81 -18.16 4.88
CA PHE B 65 0.18 -18.48 3.60
C PHE B 65 1.20 -18.59 2.48
N ALA B 66 2.29 -17.83 2.60
CA ALA B 66 3.39 -17.87 1.64
C ALA B 66 4.07 -19.23 1.57
N THR B 67 4.00 -20.01 2.65
CA THR B 67 4.64 -21.32 2.59
C THR B 67 3.94 -22.19 1.54
N GLY B 68 2.71 -21.84 1.18
CA GLY B 68 1.88 -22.69 0.35
C GLY B 68 1.31 -23.94 1.02
N GLU B 69 1.61 -24.13 2.30
CA GLU B 69 1.12 -25.32 3.00
C GLU B 69 -0.30 -25.19 3.55
N VAL B 70 -0.89 -24.02 3.39
CA VAL B 70 -2.23 -23.78 3.89
C VAL B 70 -3.18 -23.44 2.75
N SER B 71 -3.79 -24.46 2.16
CA SER B 71 -4.60 -24.21 0.99
C SER B 71 -5.87 -25.03 1.03
N GLY B 72 -6.75 -24.82 0.05
CA GLY B 72 -7.99 -25.56 0.00
C GLY B 72 -9.10 -24.77 -0.65
N ARG B 73 -10.33 -25.24 -0.45
CA ARG B 73 -11.47 -24.59 -1.04
C ARG B 73 -12.13 -23.65 -0.03
N THR B 74 -12.26 -24.11 1.22
CA THR B 74 -13.08 -23.41 2.21
C THR B 74 -12.37 -22.99 3.50
N LEU B 75 -12.52 -21.72 3.84
CA LEU B 75 -11.99 -21.17 5.06
C LEU B 75 -13.14 -20.68 5.94
N ILE B 76 -12.98 -20.78 7.26
CA ILE B 76 -13.95 -20.22 8.19
C ILE B 76 -13.27 -19.32 9.21
N ASP B 77 -13.69 -18.06 9.26
CA ASP B 77 -13.16 -17.12 10.23
C ASP B 77 -14.03 -17.19 11.49
N ILE B 78 -13.40 -17.47 12.62
CA ILE B 78 -14.13 -17.69 13.86
C ILE B 78 -14.14 -16.45 14.71
N GLY B 79 -15.31 -15.87 14.87
CA GLY B 79 -15.47 -14.67 15.67
C GLY B 79 -14.80 -13.46 15.03
N SER B 80 -15.21 -13.19 13.79
CA SER B 80 -14.63 -12.12 12.96
C SER B 80 -14.74 -10.73 13.56
N GLY B 81 -15.80 -10.48 14.34
CA GLY B 81 -16.06 -9.14 14.82
C GLY B 81 -16.21 -8.25 13.61
N PRO B 82 -15.92 -6.96 13.76
CA PRO B 82 -16.10 -6.08 12.61
C PRO B 82 -14.78 -5.86 11.87
N THR B 83 -13.94 -6.89 11.79
CA THR B 83 -12.64 -6.76 11.14
C THR B 83 -12.43 -7.76 10.02
N VAL B 84 -11.64 -7.35 9.04
CA VAL B 84 -11.36 -8.15 7.85
C VAL B 84 -9.87 -8.43 7.68
N TYR B 85 -9.05 -7.62 8.33
CA TYR B 85 -7.60 -7.70 8.19
C TYR B 85 -7.09 -9.12 8.36
N GLN B 86 -7.77 -9.91 9.17
CA GLN B 86 -7.35 -11.28 9.42
C GLN B 86 -7.53 -12.17 8.18
N LEU B 87 -8.14 -11.64 7.13
CA LEU B 87 -8.38 -12.43 5.93
C LEU B 87 -7.62 -11.91 4.68
N LEU B 88 -6.85 -10.83 4.84
CA LEU B 88 -6.24 -10.22 3.66
C LEU B 88 -5.27 -11.12 2.88
N SER B 89 -4.37 -11.81 3.59
CA SER B 89 -3.44 -12.74 2.94
C SER B 89 -4.06 -14.09 2.69
N ALA B 90 -5.13 -14.39 3.40
CA ALA B 90 -5.80 -15.66 3.28
C ALA B 90 -6.69 -15.75 2.05
N CYS B 91 -7.26 -14.64 1.62
CA CYS B 91 -8.24 -14.66 0.52
C CYS B 91 -7.67 -15.18 -0.79
N SER B 92 -6.40 -14.86 -1.07
CA SER B 92 -5.75 -15.33 -2.28
C SER B 92 -5.45 -16.83 -2.25
N HIS B 93 -6.05 -17.57 -1.32
CA HIS B 93 -5.75 -18.99 -1.13
C HIS B 93 -6.97 -19.87 -0.86
N PHE B 94 -8.12 -19.23 -0.69
CA PHE B 94 -9.38 -19.94 -0.42
C PHE B 94 -10.54 -19.42 -1.28
N GLU B 95 -11.14 -20.31 -2.06
CA GLU B 95 -12.27 -19.95 -2.94
C GLU B 95 -13.46 -19.46 -2.14
N ASP B 96 -13.75 -20.16 -1.04
CA ASP B 96 -14.96 -19.93 -0.27
C ASP B 96 -14.61 -19.54 1.16
N ILE B 97 -14.99 -18.33 1.56
CA ILE B 97 -14.74 -17.88 2.91
C ILE B 97 -16.02 -17.64 3.72
N THR B 98 -16.07 -18.20 4.92
CA THR B 98 -17.16 -17.93 5.84
C THR B 98 -16.70 -17.02 7.00
N MET B 99 -17.30 -15.84 7.11
CA MET B 99 -17.06 -14.98 8.27
C MET B 99 -18.14 -15.26 9.31
N THR B 100 -17.88 -14.92 10.56
CA THR B 100 -18.84 -15.21 11.62
C THR B 100 -18.73 -14.24 12.76
N ASP B 101 -19.83 -14.09 13.49
CA ASP B 101 -19.77 -13.48 14.81
C ASP B 101 -21.03 -13.78 15.61
N PHE B 102 -20.90 -13.59 16.92
CA PHE B 102 -21.97 -13.76 17.87
C PHE B 102 -22.98 -12.60 17.79
N LEU B 103 -22.46 -11.39 17.61
CA LEU B 103 -23.27 -10.17 17.60
C LEU B 103 -23.71 -9.79 16.20
N GLU B 104 -24.95 -9.35 16.09
CA GLU B 104 -25.50 -9.02 14.79
C GLU B 104 -24.95 -7.68 14.37
N VAL B 105 -24.71 -6.83 15.36
CA VAL B 105 -24.24 -5.47 15.08
C VAL B 105 -22.86 -5.52 14.47
N ASN B 106 -22.12 -6.58 14.81
CA ASN B 106 -20.84 -6.83 14.19
C ASN B 106 -21.02 -7.30 12.75
N ARG B 107 -21.93 -8.25 12.56
CA ARG B 107 -22.19 -8.77 11.23
C ARG B 107 -22.71 -7.67 10.31
N GLN B 108 -23.59 -6.82 10.83
CA GLN B 108 -24.03 -5.66 10.06
C GLN B 108 -22.86 -4.79 9.65
N GLU B 109 -21.89 -4.64 10.53
CA GLU B 109 -20.72 -3.81 10.26
C GLU B 109 -19.93 -4.41 9.11
N LEU B 110 -19.74 -5.71 9.15
CA LEU B 110 -19.09 -6.41 8.04
C LEU B 110 -19.90 -6.21 6.77
N GLY B 111 -21.22 -6.33 6.88
CA GLY B 111 -22.11 -6.20 5.74
C GLY B 111 -21.93 -4.86 5.05
N ARG B 112 -21.68 -3.83 5.85
CA ARG B 112 -21.53 -2.48 5.31
C ARG B 112 -20.27 -2.40 4.47
N TRP B 113 -19.25 -3.13 4.89
CA TRP B 113 -17.99 -3.06 4.19
C TRP B 113 -18.07 -3.93 2.97
N LEU B 114 -18.76 -5.05 3.11
CA LEU B 114 -18.98 -5.94 1.97
C LEU B 114 -19.69 -5.19 0.84
N GLN B 115 -20.67 -4.36 1.22
CA GLN B 115 -21.47 -3.59 0.27
C GLN B 115 -20.70 -2.36 -0.18
N GLU B 116 -19.50 -2.19 0.34
CA GLU B 116 -18.67 -1.07 -0.05
C GLU B 116 -19.38 0.27 0.15
N GLU B 117 -20.23 0.33 1.17
CA GLU B 117 -20.83 1.57 1.62
C GLU B 117 -19.76 2.43 2.22
N PRO B 118 -19.84 3.75 1.99
CA PRO B 118 -18.86 4.67 2.55
C PRO B 118 -19.00 4.79 4.07
N GLY B 119 -20.17 4.51 4.62
CA GLY B 119 -20.34 4.51 6.05
C GLY B 119 -19.33 3.58 6.70
N ALA B 120 -18.98 2.52 5.96
CA ALA B 120 -18.17 1.43 6.49
C ALA B 120 -16.79 1.89 6.99
N PHE B 121 -16.10 0.98 7.66
CA PHE B 121 -14.77 1.26 8.16
C PHE B 121 -13.77 1.16 7.03
N ASN B 122 -12.78 2.04 7.06
CA ASN B 122 -11.68 2.02 6.09
C ASN B 122 -10.52 1.09 6.43
N TRP B 123 -10.45 -0.05 5.75
CA TRP B 123 -9.39 -1.01 5.95
C TRP B 123 -8.22 -0.89 4.96
N SER B 124 -8.23 0.15 4.12
CA SER B 124 -7.31 0.22 2.97
C SER B 124 -5.82 0.25 3.34
N MET B 125 -5.52 0.81 4.52
CA MET B 125 -4.15 0.89 5.04
C MET B 125 -3.61 -0.50 5.32
N TYR B 126 -4.50 -1.35 5.82
CA TYR B 126 -4.19 -2.75 6.04
C TYR B 126 -4.13 -3.49 4.72
N SER B 127 -5.12 -3.26 3.84
CA SER B 127 -5.09 -3.78 2.48
C SER B 127 -3.77 -3.48 1.81
N GLN B 128 -3.37 -2.21 1.83
CA GLN B 128 -2.11 -1.81 1.19
C GLN B 128 -0.95 -2.54 1.82
N HIS B 129 -0.95 -2.63 3.14
CA HIS B 129 0.20 -3.20 3.84
C HIS B 129 0.33 -4.70 3.56
N ALA B 130 -0.78 -5.40 3.55
CA ALA B 130 -0.68 -6.79 3.15
C ALA B 130 -0.05 -6.90 1.77
N CYS B 131 -0.43 -6.00 0.85
CA CYS B 131 0.03 -6.07 -0.53
C CYS B 131 1.53 -5.82 -0.56
N LEU B 132 1.92 -4.85 0.24
CA LEU B 132 3.30 -4.50 0.46
C LEU B 132 4.13 -5.69 0.93
N ILE B 133 3.68 -6.41 1.95
CA ILE B 133 4.55 -7.45 2.51
C ILE B 133 4.49 -8.78 1.77
N GLU B 134 3.36 -9.05 1.14
CA GLU B 134 3.23 -10.22 0.30
C GLU B 134 4.16 -10.22 -0.92
N GLY B 135 4.58 -9.03 -1.34
CA GLY B 135 5.54 -8.87 -2.43
C GLY B 135 5.17 -9.30 -3.85
N LYS B 136 3.89 -9.20 -4.22
CA LYS B 136 3.44 -9.69 -5.52
C LYS B 136 3.07 -8.54 -6.45
N GLY B 137 3.42 -7.32 -6.04
CA GLY B 137 3.03 -6.14 -6.77
C GLY B 137 1.55 -5.79 -6.78
N GLU B 138 0.74 -6.53 -6.03
CA GLU B 138 -0.72 -6.36 -6.11
C GLU B 138 -1.23 -5.05 -5.53
N CYS B 139 -2.33 -4.54 -6.06
CA CYS B 139 -2.81 -3.26 -5.60
C CYS B 139 -3.97 -3.51 -4.61
N TRP B 140 -4.19 -2.60 -3.67
CA TRP B 140 -5.09 -2.95 -2.60
C TRP B 140 -6.54 -3.10 -3.05
N GLN B 141 -6.94 -2.31 -4.02
CA GLN B 141 -8.29 -2.42 -4.56
C GLN B 141 -8.53 -3.82 -5.11
N ASP B 142 -7.49 -4.43 -5.66
CA ASP B 142 -7.65 -5.77 -6.19
C ASP B 142 -7.68 -6.76 -5.06
N LYS B 143 -6.83 -6.52 -4.05
CA LYS B 143 -6.84 -7.36 -2.86
C LYS B 143 -8.23 -7.32 -2.23
N GLU B 144 -8.78 -6.12 -2.08
CA GLU B 144 -10.09 -5.98 -1.46
C GLU B 144 -11.23 -6.57 -2.28
N ARG B 145 -11.10 -6.52 -3.60
CA ARG B 145 -12.17 -6.96 -4.49
C ARG B 145 -12.28 -8.49 -4.44
N GLN B 146 -11.12 -9.12 -4.34
CA GLN B 146 -11.04 -10.57 -4.15
C GLN B 146 -11.60 -10.99 -2.80
N LEU B 147 -11.30 -10.20 -1.77
CA LEU B 147 -11.79 -10.54 -0.43
C LEU B 147 -13.31 -10.48 -0.44
N ARG B 148 -13.85 -9.36 -0.90
CA ARG B 148 -15.30 -9.18 -1.00
C ARG B 148 -15.93 -10.29 -1.85
N ALA B 149 -15.16 -10.84 -2.80
CA ALA B 149 -15.71 -11.83 -3.73
C ALA B 149 -15.75 -13.23 -3.14
N ARG B 150 -14.75 -13.55 -2.34
CA ARG B 150 -14.66 -14.89 -1.76
C ARG B 150 -15.41 -15.07 -0.44
N VAL B 151 -15.72 -13.97 0.25
CA VAL B 151 -16.56 -14.12 1.45
C VAL B 151 -17.97 -14.49 1.02
N LYS B 152 -18.30 -15.76 1.11
CA LYS B 152 -19.58 -16.25 0.61
C LYS B 152 -20.73 -16.13 1.62
N ARG B 153 -20.44 -15.64 2.82
CA ARG B 153 -21.44 -15.59 3.88
C ARG B 153 -20.90 -15.07 5.21
N VAL B 154 -21.80 -14.52 6.03
CA VAL B 154 -21.49 -14.03 7.37
C VAL B 154 -22.52 -14.63 8.31
N LEU B 155 -22.07 -15.52 9.20
CA LEU B 155 -22.96 -16.34 10.00
C LEU B 155 -22.94 -16.02 11.48
N PRO B 156 -24.04 -16.33 12.19
CA PRO B 156 -24.08 -16.27 13.64
C PRO B 156 -23.18 -17.37 14.20
N ILE B 157 -22.51 -17.09 15.30
CA ILE B 157 -21.66 -18.09 15.91
C ILE B 157 -21.57 -17.91 17.40
N ASP B 158 -21.59 -19.05 18.09
CA ASP B 158 -21.32 -19.10 19.52
C ASP B 158 -20.39 -20.28 19.78
N VAL B 159 -19.14 -19.97 20.09
CA VAL B 159 -18.12 -21.00 20.27
C VAL B 159 -18.41 -21.94 21.45
N HIS B 160 -19.23 -21.52 22.40
CA HIS B 160 -19.51 -22.37 23.56
C HIS B 160 -20.44 -23.55 23.25
N GLN B 161 -21.28 -23.42 22.23
CA GLN B 161 -22.10 -24.52 21.74
C GLN B 161 -21.26 -25.63 21.11
N PRO B 162 -21.64 -26.88 21.36
CA PRO B 162 -20.93 -28.04 20.77
C PRO B 162 -20.93 -27.98 19.25
N GLN B 163 -21.94 -27.34 18.67
CA GLN B 163 -21.95 -27.05 17.25
C GLN B 163 -22.05 -25.55 17.13
N PRO B 164 -20.88 -24.88 17.00
CA PRO B 164 -20.80 -23.43 17.17
C PRO B 164 -21.63 -22.68 16.14
N LEU B 165 -22.00 -23.38 15.08
CA LEU B 165 -22.74 -22.78 13.99
C LEU B 165 -24.21 -23.21 13.97
N GLY B 166 -24.58 -24.08 14.89
CA GLY B 166 -25.93 -24.63 14.90
C GLY B 166 -25.98 -25.82 13.98
N ALA B 167 -26.90 -26.75 14.26
CA ALA B 167 -27.05 -27.95 13.43
C ALA B 167 -27.58 -27.59 12.05
N GLY B 168 -27.26 -28.43 11.06
CA GLY B 168 -27.68 -28.19 9.68
C GLY B 168 -27.25 -26.83 9.17
N SER B 169 -26.15 -26.31 9.71
CA SER B 169 -25.68 -24.99 9.34
C SER B 169 -25.39 -24.92 7.86
N PRO B 170 -25.32 -23.69 7.34
CA PRO B 170 -25.07 -23.44 5.92
C PRO B 170 -23.64 -23.81 5.55
N ALA B 171 -22.71 -23.33 6.37
CA ALA B 171 -21.30 -23.47 6.09
C ALA B 171 -20.95 -24.84 5.52
N PRO B 172 -20.14 -24.84 4.46
CA PRO B 172 -19.58 -26.08 3.93
C PRO B 172 -18.66 -26.68 4.98
N LEU B 173 -19.09 -27.78 5.58
CA LEU B 173 -18.25 -28.43 6.57
C LEU B 173 -17.88 -29.80 6.09
N PRO B 174 -16.71 -30.28 6.50
CA PRO B 174 -15.81 -29.51 7.36
C PRO B 174 -14.92 -28.63 6.50
N ALA B 175 -14.54 -27.47 7.02
CA ALA B 175 -13.70 -26.54 6.28
C ALA B 175 -12.24 -27.03 6.19
N ASP B 176 -11.51 -26.54 5.19
CA ASP B 176 -10.09 -26.86 5.05
C ASP B 176 -9.18 -26.09 6.03
N ALA B 177 -9.64 -24.93 6.48
CA ALA B 177 -8.85 -24.10 7.38
C ALA B 177 -9.72 -23.30 8.33
N LEU B 178 -9.10 -22.79 9.39
CA LEU B 178 -9.77 -21.89 10.30
C LEU B 178 -8.84 -20.74 10.60
N VAL B 179 -9.42 -19.56 10.70
CA VAL B 179 -8.73 -18.38 11.21
C VAL B 179 -9.57 -17.89 12.38
N SER B 180 -8.92 -17.42 13.43
CA SER B 180 -9.61 -16.82 14.55
C SER B 180 -8.66 -15.89 15.25
N ALA B 181 -9.13 -14.69 15.55
CA ALA B 181 -8.24 -13.68 16.07
C ALA B 181 -8.86 -12.97 17.27
N PHE B 182 -8.25 -13.14 18.44
CA PHE B 182 -8.74 -12.46 19.64
C PHE B 182 -10.17 -12.82 20.01
N CYS B 183 -10.56 -14.06 19.78
CA CYS B 183 -11.92 -14.46 20.12
C CYS B 183 -12.01 -15.37 21.36
N LEU B 184 -11.46 -16.58 21.27
CA LEU B 184 -11.65 -17.55 22.34
C LEU B 184 -11.31 -16.98 23.71
N GLU B 185 -10.17 -16.32 23.83
CA GLU B 185 -9.79 -15.91 25.15
C GLU B 185 -10.69 -14.76 25.59
N ALA B 186 -11.31 -14.11 24.61
CA ALA B 186 -12.06 -12.89 24.91
C ALA B 186 -13.48 -13.19 25.37
N VAL B 187 -13.91 -14.42 25.16
CA VAL B 187 -15.28 -14.83 25.50
C VAL B 187 -15.29 -16.03 26.46
N SER B 188 -14.12 -16.37 26.97
CA SER B 188 -13.99 -17.45 27.92
C SER B 188 -13.71 -16.87 29.29
N PRO B 189 -14.44 -17.36 30.31
CA PRO B 189 -14.25 -16.97 31.70
C PRO B 189 -12.99 -17.58 32.28
N ASP B 190 -12.75 -18.85 31.94
CA ASP B 190 -11.60 -19.54 32.47
C ASP B 190 -10.97 -20.46 31.45
N LEU B 191 -9.81 -21.02 31.79
CA LEU B 191 -9.01 -21.86 30.90
C LEU B 191 -9.74 -23.08 30.34
N ALA B 192 -10.61 -23.65 31.15
CA ALA B 192 -11.37 -24.83 30.77
C ALA B 192 -12.42 -24.45 29.75
N SER B 193 -13.02 -23.27 29.96
CA SER B 193 -13.98 -22.75 29.01
C SER B 193 -13.28 -22.49 27.68
N PHE B 194 -12.10 -21.89 27.79
CA PHE B 194 -11.27 -21.61 26.62
C PHE B 194 -11.02 -22.89 25.87
N GLN B 195 -10.62 -23.92 26.61
CA GLN B 195 -10.19 -25.18 26.03
C GLN B 195 -11.36 -25.85 25.36
N ARG B 196 -12.52 -25.78 26.00
CA ARG B 196 -13.73 -26.31 25.43
C ARG B 196 -14.13 -25.60 24.14
N ALA B 197 -14.06 -24.28 24.14
CA ALA B 197 -14.36 -23.49 22.94
C ALA B 197 -13.48 -23.91 21.78
N LEU B 198 -12.22 -24.18 22.08
CA LEU B 198 -11.30 -24.65 21.08
C LEU B 198 -11.79 -26.00 20.55
N ASP B 199 -12.09 -26.93 21.46
CA ASP B 199 -12.57 -28.24 21.06
C ASP B 199 -13.74 -28.13 20.09
N HIS B 200 -14.67 -27.23 20.41
CA HIS B 200 -15.88 -27.03 19.61
C HIS B 200 -15.63 -26.61 18.17
N ILE B 201 -14.79 -25.59 17.99
CA ILE B 201 -14.56 -25.09 16.65
C ILE B 201 -13.69 -26.05 15.85
N THR B 202 -12.95 -26.90 16.59
CA THR B 202 -12.06 -27.87 15.97
C THR B 202 -12.91 -28.88 15.17
N THR B 203 -14.15 -29.07 15.59
CA THR B 203 -15.13 -29.95 14.92
C THR B 203 -15.48 -29.42 13.53
N LEU B 204 -15.27 -28.13 13.32
CA LEU B 204 -15.54 -27.56 12.01
C LEU B 204 -14.39 -27.83 11.03
N LEU B 205 -13.23 -28.20 11.59
CA LEU B 205 -12.00 -28.34 10.80
C LEU B 205 -11.78 -29.78 10.41
N ARG B 206 -11.46 -30.02 9.16
CA ARG B 206 -11.21 -31.38 8.70
C ARG B 206 -9.85 -31.83 9.17
N PRO B 207 -9.67 -33.16 9.31
CA PRO B 207 -8.40 -33.73 9.72
C PRO B 207 -7.35 -33.40 8.69
N GLY B 208 -6.14 -33.09 9.14
CA GLY B 208 -5.11 -32.60 8.25
C GLY B 208 -5.23 -31.11 7.94
N GLY B 209 -6.33 -30.49 8.37
CA GLY B 209 -6.55 -29.08 8.16
C GLY B 209 -5.72 -28.15 9.06
N HIS B 210 -5.78 -26.86 8.78
CA HIS B 210 -4.94 -25.88 9.46
C HIS B 210 -5.74 -24.82 10.22
N LEU B 211 -5.31 -24.54 11.44
CA LEU B 211 -5.87 -23.45 12.23
C LEU B 211 -4.86 -22.32 12.44
N LEU B 212 -5.27 -21.09 12.12
CA LEU B 212 -4.43 -19.94 12.37
C LEU B 212 -5.05 -19.09 13.48
N LEU B 213 -4.40 -19.08 14.64
CA LEU B 213 -4.98 -18.48 15.82
C LEU B 213 -4.14 -17.33 16.33
N ILE B 214 -4.80 -16.19 16.54
CA ILE B 214 -4.13 -15.02 17.09
C ILE B 214 -4.95 -14.65 18.34
N GLY B 215 -4.27 -14.14 19.36
CA GLY B 215 -4.98 -13.70 20.56
C GLY B 215 -4.05 -12.97 21.52
N ALA B 216 -4.62 -12.48 22.62
CA ALA B 216 -3.89 -11.68 23.58
C ALA B 216 -3.29 -12.53 24.70
N LEU B 217 -2.07 -12.20 25.08
CA LEU B 217 -1.38 -12.92 26.14
C LEU B 217 -1.55 -12.17 27.45
N GLU B 218 -1.90 -12.91 28.50
CA GLU B 218 -1.95 -12.38 29.84
C GLU B 218 -2.80 -11.12 29.90
N GLU B 219 -4.00 -11.21 29.33
CA GLU B 219 -4.92 -10.09 29.35
C GLU B 219 -6.16 -10.45 30.15
N SER B 220 -6.67 -9.49 30.93
CA SER B 220 -7.86 -9.71 31.75
C SER B 220 -9.09 -8.86 31.35
N TRP B 221 -8.87 -7.75 30.67
CA TRP B 221 -9.98 -6.89 30.25
C TRP B 221 -9.66 -6.08 28.99
N TYR B 222 -10.70 -5.59 28.32
CA TYR B 222 -10.54 -4.58 27.27
C TYR B 222 -11.82 -3.75 27.12
N LEU B 223 -11.70 -2.65 26.38
CA LEU B 223 -12.80 -1.70 26.17
C LEU B 223 -13.38 -1.73 24.75
N ALA B 224 -14.71 -1.71 24.68
CA ALA B 224 -15.44 -1.61 23.43
C ALA B 224 -16.52 -0.58 23.61
N GLY B 225 -16.14 0.60 24.07
CA GLY B 225 -17.06 1.69 24.31
C GLY B 225 -17.41 1.80 25.79
N GLU B 226 -18.68 1.60 26.10
CA GLU B 226 -19.09 1.54 27.49
C GLU B 226 -18.65 0.21 28.07
N ALA B 227 -18.69 -0.80 27.20
CA ALA B 227 -18.39 -2.19 27.56
C ALA B 227 -16.92 -2.41 27.94
N ARG B 228 -16.68 -2.68 29.22
CA ARG B 228 -15.36 -3.13 29.71
C ARG B 228 -15.41 -4.63 29.98
N LEU B 229 -14.75 -5.40 29.12
CA LEU B 229 -14.95 -6.84 29.02
C LEU B 229 -13.90 -7.71 29.74
N THR B 230 -14.30 -8.93 30.10
CA THR B 230 -13.47 -9.85 30.89
C THR B 230 -12.77 -10.95 30.06
N VAL B 231 -11.45 -10.89 30.08
CA VAL B 231 -10.63 -11.84 29.31
C VAL B 231 -9.90 -12.74 30.29
N VAL B 232 -9.86 -14.03 30.00
CA VAL B 232 -9.04 -14.96 30.76
C VAL B 232 -7.61 -14.77 30.30
N PRO B 233 -6.73 -14.34 31.22
CA PRO B 233 -5.33 -14.14 30.85
C PRO B 233 -4.71 -15.51 30.56
N VAL B 234 -3.97 -15.63 29.45
CA VAL B 234 -3.35 -16.91 29.09
C VAL B 234 -1.88 -16.70 28.78
N SER B 235 -1.13 -17.79 28.70
CA SER B 235 0.29 -17.75 28.42
C SER B 235 0.54 -18.54 27.14
N GLU B 236 1.72 -18.40 26.54
CA GLU B 236 2.05 -19.21 25.37
C GLU B 236 1.81 -20.68 25.69
N GLU B 237 2.34 -21.13 26.83
CA GLU B 237 2.28 -22.54 27.19
C GLU B 237 0.86 -23.06 27.32
N GLU B 238 0.01 -22.29 27.99
CA GLU B 238 -1.41 -22.61 28.10
C GLU B 238 -2.02 -22.77 26.71
N VAL B 239 -1.64 -21.88 25.79
CA VAL B 239 -2.14 -21.97 24.43
C VAL B 239 -1.59 -23.18 23.71
N ARG B 240 -0.28 -23.40 23.83
CA ARG B 240 0.34 -24.57 23.23
C ARG B 240 -0.36 -25.83 23.73
N GLU B 241 -0.48 -25.92 25.05
CA GLU B 241 -1.03 -27.12 25.67
C GLU B 241 -2.46 -27.37 25.17
N ALA B 242 -3.27 -26.32 25.19
CA ALA B 242 -4.64 -26.37 24.66
C ALA B 242 -4.75 -26.90 23.23
N LEU B 243 -3.88 -26.41 22.36
CA LEU B 243 -3.90 -26.86 20.97
C LEU B 243 -3.64 -28.36 20.94
N VAL B 244 -2.58 -28.78 21.62
CA VAL B 244 -2.21 -30.19 21.67
C VAL B 244 -3.36 -31.02 22.23
N ARG B 245 -3.88 -30.57 23.36
CA ARG B 245 -5.09 -31.11 23.94
C ARG B 245 -6.19 -31.34 22.89
N SER B 246 -6.41 -30.37 22.01
CA SER B 246 -7.51 -30.45 21.04
C SER B 246 -7.18 -31.30 19.80
N GLY B 247 -5.96 -31.84 19.74
CA GLY B 247 -5.61 -32.76 18.68
C GLY B 247 -4.88 -32.14 17.51
N TYR B 248 -4.16 -31.06 17.78
CA TYR B 248 -3.37 -30.37 16.77
C TYR B 248 -1.91 -30.70 16.91
N LYS B 249 -1.18 -30.55 15.81
CA LYS B 249 0.26 -30.46 15.92
C LYS B 249 0.57 -29.00 15.73
N VAL B 250 1.35 -28.45 16.64
CA VAL B 250 1.67 -27.04 16.59
C VAL B 250 2.85 -26.88 15.66
N ARG B 251 2.64 -26.15 14.57
CA ARG B 251 3.64 -25.95 13.56
C ARG B 251 4.46 -24.69 13.85
N ASP B 252 3.82 -23.70 14.43
CA ASP B 252 4.52 -22.48 14.78
C ASP B 252 3.76 -21.77 15.89
N LEU B 253 4.49 -21.17 16.81
CA LEU B 253 3.87 -20.40 17.88
C LEU B 253 4.81 -19.26 18.26
N ARG B 254 4.40 -18.03 17.95
CA ARG B 254 5.29 -16.90 18.18
C ARG B 254 4.63 -15.83 19.03
N THR B 255 5.45 -14.95 19.59
CA THR B 255 4.97 -14.01 20.57
C THR B 255 5.45 -12.62 20.29
N TYR B 256 4.53 -11.68 20.41
CA TYR B 256 4.88 -10.29 20.29
C TYR B 256 4.68 -9.65 21.66
N ILE B 257 5.72 -9.04 22.19
CA ILE B 257 5.59 -8.31 23.45
C ILE B 257 5.09 -6.90 23.22
N MET B 258 3.99 -6.54 23.87
CA MET B 258 3.38 -5.25 23.66
C MET B 258 4.26 -4.13 24.21
N PRO B 259 4.70 -3.20 23.33
CA PRO B 259 5.56 -2.06 23.68
C PRO B 259 4.88 -1.06 24.59
N ALA B 260 5.67 -0.20 25.23
CA ALA B 260 5.16 0.73 26.23
C ALA B 260 4.07 1.61 25.64
N HIS B 261 4.43 2.38 24.62
CA HIS B 261 3.43 3.04 23.81
C HIS B 261 2.81 1.84 23.13
N LEU B 262 1.59 2.00 22.63
CA LEU B 262 0.79 0.86 22.18
C LEU B 262 -0.04 0.27 23.34
N GLN B 263 0.44 0.43 24.57
CA GLN B 263 -0.38 0.12 25.74
C GLN B 263 -1.14 1.37 26.12
N THR B 264 -2.40 1.42 25.70
CA THR B 264 -3.13 2.69 25.63
C THR B 264 -4.29 2.83 26.62
N GLY B 265 -4.54 1.81 27.43
CA GLY B 265 -5.61 1.93 28.40
C GLY B 265 -6.86 1.25 27.91
N VAL B 266 -6.83 0.84 26.64
CA VAL B 266 -7.95 0.12 26.03
C VAL B 266 -8.02 -1.35 26.48
N ASP B 267 -6.93 -1.82 27.11
CA ASP B 267 -6.79 -3.19 27.60
C ASP B 267 -5.55 -3.32 28.48
N ASP B 268 -5.38 -4.48 29.10
CA ASP B 268 -4.18 -4.73 29.88
C ASP B 268 -3.35 -5.86 29.26
N VAL B 269 -3.60 -6.12 27.98
CA VAL B 269 -2.82 -7.07 27.18
C VAL B 269 -1.33 -6.84 27.40
N LYS B 270 -0.58 -7.93 27.59
CA LYS B 270 0.87 -7.81 27.79
C LYS B 270 1.62 -8.21 26.53
N GLY B 271 0.98 -9.00 25.69
CA GLY B 271 1.56 -9.33 24.39
C GLY B 271 0.57 -10.09 23.55
N VAL B 272 1.00 -10.51 22.37
CA VAL B 272 0.12 -11.17 21.42
C VAL B 272 0.76 -12.49 20.96
N PHE B 273 -0.06 -13.52 20.80
CA PHE B 273 0.43 -14.79 20.26
C PHE B 273 -0.14 -15.04 18.87
N PHE B 274 0.65 -15.75 18.06
CA PHE B 274 0.21 -16.28 16.78
C PHE B 274 0.56 -17.74 16.70
N ALA B 275 -0.47 -18.57 16.54
CA ALA B 275 -0.31 -20.00 16.46
C ALA B 275 -0.76 -20.54 15.11
N TRP B 276 0.13 -21.32 14.48
CA TRP B 276 -0.20 -22.09 13.31
C TRP B 276 -0.23 -23.56 13.74
N ALA B 277 -1.40 -24.18 13.60
CA ALA B 277 -1.63 -25.54 14.08
C ALA B 277 -2.38 -26.37 13.05
N GLN B 278 -2.06 -27.66 12.99
CA GLN B 278 -2.67 -28.52 12.01
C GLN B 278 -3.38 -29.67 12.71
N LYS B 279 -4.64 -29.87 12.36
CA LYS B 279 -5.44 -30.90 12.99
C LYS B 279 -4.98 -32.28 12.56
N VAL B 280 -4.40 -33.02 13.49
CA VAL B 280 -3.93 -34.35 13.19
C VAL B 280 -5.05 -35.25 12.68
N GLY B 281 -4.79 -35.96 11.60
CA GLY B 281 -5.76 -36.87 11.03
C GLY B 281 -5.18 -37.64 9.86
#